data_7E45
#
_entry.id   7E45
#
_cell.length_a   67.315
_cell.length_b   67.914
_cell.length_c   86.502
_cell.angle_alpha   90.000
_cell.angle_beta   90.000
_cell.angle_gamma   90.000
#
_symmetry.space_group_name_H-M   'P 21 21 21'
#
loop_
_entity.id
_entity.type
_entity.pdbx_description
1 polymer 'Macrophage migration inhibitory factor'
2 non-polymer 'CHLORIDE ION'
3 non-polymer (2R)-7-[(2R,3R,4R,5S,6S)-6-(hydroxymethyl)-3-[(2R,3R,4R,5R,6S)-6-methyl-3,4,5-tris(oxidanyl)oxan-2-yl]oxy-4,5-bis(oxidanyl)oxan-2-yl]oxy-2-(4-methoxy-3-oxidanyl-phenyl)-5-oxidanyl-2,3-dihydrochromen-4-one
4 water water
#
_entity_poly.entity_id   1
_entity_poly.type   'polypeptide(L)'
_entity_poly.pdbx_seq_one_letter_code
;PMFIVNTNVPRASVPDGFLSELTQQLAQATGKPPQYIAVHVVPDQLMAFGGSSEPCALCSLHSIGKIGGAQNRSYSKLLC
GLLAERLRISPDRVYINYYDMNAANVGWNNSTFA
;
_entity_poly.pdbx_strand_id   A,B,C
#
loop_
_chem_comp.id
_chem_comp.type
_chem_comp.name
_chem_comp.formula
CL non-polymer 'CHLORIDE ION' 'Cl -1'
HWO non-polymer (2R)-7-[(2R,3R,4R,5S,6S)-6-(hydroxymethyl)-3-[(2R,3R,4R,5R,6S)-6-methyl-3,4,5-tris(oxidanyl)oxan-2-yl]oxy-4,5-bis(oxidanyl)oxan-2-yl]oxy-2-(4-methoxy-3-oxidanyl-phenyl)-5-oxidanyl-2,3-dihydrochromen-4-one 'C28 H34 O15'
#
# COMPACT_ATOMS: atom_id res chain seq x y z
N PRO A 1 11.36 4.80 9.48
CA PRO A 1 10.98 4.69 8.06
C PRO A 1 10.46 3.32 7.77
N MET A 2 9.86 3.15 6.62
CA MET A 2 9.23 1.90 6.21
C MET A 2 9.60 1.64 4.77
N PHE A 3 10.05 0.43 4.46
CA PHE A 3 10.28 0.04 3.07
C PHE A 3 9.53 -1.24 2.78
N ILE A 4 8.76 -1.24 1.68
CA ILE A 4 7.93 -2.36 1.30
C ILE A 4 8.31 -2.75 -0.11
N VAL A 5 8.49 -4.05 -0.36
CA VAL A 5 8.74 -4.57 -1.70
C VAL A 5 7.66 -5.61 -2.02
N ASN A 6 6.94 -5.41 -3.11
CA ASN A 6 5.98 -6.39 -3.60
C ASN A 6 6.56 -6.98 -4.86
N THR A 7 6.60 -8.31 -4.97
CA THR A 7 7.24 -8.91 -6.13
C THR A 7 6.56 -10.21 -6.50
N ASN A 8 6.65 -10.58 -7.79
CA ASN A 8 6.17 -11.87 -8.25
C ASN A 8 7.21 -12.98 -8.11
N VAL A 9 8.43 -12.67 -7.67
CA VAL A 9 9.43 -13.69 -7.39
C VAL A 9 8.89 -14.60 -6.29
N PRO A 10 9.10 -15.90 -6.35
CA PRO A 10 8.53 -16.79 -5.33
C PRO A 10 9.28 -16.69 -4.01
N ARG A 11 8.57 -17.07 -2.94
CA ARG A 11 9.13 -16.94 -1.58
C ARG A 11 10.45 -17.68 -1.46
N ALA A 12 10.57 -18.84 -2.09
CA ALA A 12 11.77 -19.64 -1.93
C ALA A 12 12.98 -18.97 -2.55
N SER A 13 12.77 -17.98 -3.42
CA SER A 13 13.85 -17.25 -4.04
C SER A 13 14.28 -16.02 -3.26
N VAL A 14 13.62 -15.72 -2.16
CA VAL A 14 14.06 -14.66 -1.26
C VAL A 14 15.10 -15.27 -0.31
N PRO A 15 16.35 -14.83 -0.35
CA PRO A 15 17.40 -15.49 0.43
C PRO A 15 17.31 -15.18 1.91
N ASP A 16 17.88 -16.09 2.71
CA ASP A 16 18.07 -15.83 4.13
C ASP A 16 18.82 -14.52 4.29
N GLY A 17 18.42 -13.73 5.30
CA GLY A 17 19.11 -12.51 5.61
C GLY A 17 18.62 -11.28 4.86
N PHE A 18 17.62 -11.43 3.99
CA PHE A 18 17.23 -10.33 3.12
C PHE A 18 16.63 -9.17 3.92
N LEU A 19 15.73 -9.45 4.87
CA LEU A 19 15.16 -8.36 5.65
C LEU A 19 16.21 -7.65 6.46
N SER A 20 17.20 -8.40 6.98
CA SER A 20 18.26 -7.77 7.74
C SER A 20 19.12 -6.88 6.86
N GLU A 21 19.47 -7.35 5.66
CA GLU A 21 20.26 -6.52 4.76
C GLU A 21 19.53 -5.24 4.42
N LEU A 22 18.23 -5.34 4.12
CA LEU A 22 17.47 -4.13 3.86
C LEU A 22 17.49 -3.19 5.07
N THR A 23 17.25 -3.73 6.28
CA THR A 23 17.22 -2.91 7.48
C THR A 23 18.54 -2.16 7.66
N GLN A 24 19.65 -2.88 7.51
CA GLN A 24 20.95 -2.29 7.78
C GLN A 24 21.33 -1.29 6.72
N GLN A 25 21.06 -1.62 5.45
CA GLN A 25 21.43 -0.72 4.37
C GLN A 25 20.57 0.54 4.37
N LEU A 26 19.28 0.41 4.70
CA LEU A 26 18.43 1.58 4.80
C LEU A 26 18.78 2.46 6.00
N ALA A 27 19.17 1.86 7.13
CA ALA A 27 19.63 2.69 8.24
C ALA A 27 20.82 3.53 7.78
N GLN A 28 21.79 2.88 7.13
CA GLN A 28 22.99 3.57 6.70
C GLN A 28 22.64 4.64 5.67
N ALA A 29 21.71 4.34 4.75
CA ALA A 29 21.43 5.26 3.64
C ALA A 29 20.66 6.49 4.12
N THR A 30 19.75 6.31 5.06
CA THR A 30 18.94 7.41 5.55
C THR A 30 19.58 8.14 6.73
N GLY A 31 20.59 7.56 7.37
CA GLY A 31 21.17 8.19 8.55
C GLY A 31 20.35 8.02 9.79
N LYS A 32 19.35 7.19 9.76
CA LYS A 32 18.45 7.01 10.88
C LYS A 32 18.77 5.73 11.63
N PRO A 33 18.42 5.64 12.91
CA PRO A 33 18.81 4.46 13.70
C PRO A 33 18.13 3.21 13.19
N PRO A 34 18.83 2.07 13.17
CA PRO A 34 18.21 0.85 12.63
C PRO A 34 17.01 0.36 13.44
N GLN A 35 16.92 0.73 14.72
CA GLN A 35 15.80 0.33 15.56
C GLN A 35 14.48 0.88 15.05
N TYR A 36 14.52 1.94 14.21
CA TYR A 36 13.30 2.54 13.71
C TYR A 36 13.02 2.19 12.26
N ILE A 37 13.82 1.33 11.65
CA ILE A 37 13.59 0.94 10.24
C ILE A 37 12.70 -0.28 10.21
N ALA A 38 11.60 -0.20 9.46
CA ALA A 38 10.69 -1.33 9.26
C ALA A 38 10.76 -1.77 7.81
N VAL A 39 10.78 -3.09 7.59
CA VAL A 39 10.89 -3.63 6.24
C VAL A 39 9.86 -4.74 6.05
N HIS A 40 9.35 -4.85 4.83
CA HIS A 40 8.27 -5.79 4.54
C HIS A 40 8.46 -6.27 3.11
N VAL A 41 8.56 -7.59 2.92
CA VAL A 41 8.76 -8.17 1.60
C VAL A 41 7.58 -9.09 1.31
N VAL A 42 6.98 -8.92 0.14
CA VAL A 42 5.76 -9.63 -0.25
C VAL A 42 6.02 -10.37 -1.55
N PRO A 43 6.37 -11.66 -1.47
CA PRO A 43 6.65 -12.44 -2.68
C PRO A 43 5.39 -13.07 -3.25
N ASP A 44 5.55 -13.77 -4.37
CA ASP A 44 4.48 -14.61 -4.95
C ASP A 44 3.28 -13.80 -5.42
N GLN A 45 3.49 -12.53 -5.78
CA GLN A 45 2.38 -11.67 -6.15
C GLN A 45 2.01 -11.86 -7.61
N LEU A 46 0.75 -11.55 -7.93
CA LEU A 46 0.22 -11.54 -9.30
C LEU A 46 0.44 -10.12 -9.82
N MET A 47 1.46 -9.92 -10.64
CA MET A 47 1.87 -8.58 -11.05
C MET A 47 2.40 -8.64 -12.46
N ALA A 48 2.32 -7.49 -13.13
CA ALA A 48 2.99 -7.34 -14.41
C ALA A 48 3.66 -5.98 -14.44
N PHE A 49 4.72 -5.90 -15.21
CA PHE A 49 5.41 -4.64 -15.43
C PHE A 49 5.52 -4.50 -16.94
N GLY A 50 4.94 -3.43 -17.49
CA GLY A 50 4.91 -3.27 -18.93
C GLY A 50 4.16 -4.37 -19.64
N GLY A 51 3.24 -5.04 -18.94
CA GLY A 51 2.46 -6.10 -19.56
C GLY A 51 3.05 -7.48 -19.46
N SER A 52 4.23 -7.64 -18.91
CA SER A 52 4.92 -8.91 -18.83
C SER A 52 5.05 -9.34 -17.37
N SER A 53 4.96 -10.65 -17.14
CA SER A 53 5.09 -11.20 -15.79
C SER A 53 6.49 -11.77 -15.52
N GLU A 54 7.48 -11.38 -16.30
CA GLU A 54 8.87 -11.62 -15.90
C GLU A 54 9.07 -11.01 -14.50
N PRO A 55 9.98 -11.54 -13.67
CA PRO A 55 10.24 -10.92 -12.35
C PRO A 55 10.25 -9.40 -12.35
N CYS A 56 9.55 -8.80 -11.39
CA CYS A 56 9.48 -7.36 -11.27
C CYS A 56 9.22 -7.02 -9.81
N ALA A 57 9.30 -5.74 -9.47
CA ALA A 57 9.02 -5.29 -8.10
C ALA A 57 8.41 -3.91 -8.08
N LEU A 58 7.43 -3.70 -7.19
CA LEU A 58 6.83 -2.40 -6.90
C LEU A 58 7.07 -2.16 -5.43
N CYS A 59 7.72 -1.03 -5.12
CA CYS A 59 8.22 -0.79 -3.77
C CYS A 59 7.82 0.59 -3.31
N SER A 60 7.93 0.82 -2.00
CA SER A 60 7.75 2.17 -1.48
C SER A 60 8.69 2.38 -0.34
N LEU A 61 9.16 3.63 -0.18
CA LEU A 61 9.95 4.05 0.97
C LEU A 61 9.26 5.27 1.56
N HIS A 62 8.83 5.18 2.82
CA HIS A 62 8.24 6.30 3.55
C HIS A 62 9.22 6.69 4.63
N SER A 63 9.54 7.98 4.71
CA SER A 63 10.50 8.47 5.69
C SER A 63 10.12 9.89 6.11
N ILE A 64 10.33 10.20 7.39
CA ILE A 64 10.16 11.59 7.85
C ILE A 64 11.44 12.33 7.46
N GLY A 65 11.41 13.03 6.34
CA GLY A 65 12.60 13.67 5.86
C GLY A 65 13.54 12.67 5.21
N LYS A 66 14.71 13.19 4.81
CA LYS A 66 15.71 12.42 4.07
C LYS A 66 15.17 11.89 2.74
N ILE A 67 14.29 12.67 2.12
CA ILE A 67 13.70 12.38 0.82
C ILE A 67 13.93 13.61 -0.05
N GLY A 68 14.38 13.39 -1.27
CA GLY A 68 14.59 14.52 -2.16
C GLY A 68 15.28 14.04 -3.43
N GLY A 69 15.51 14.98 -4.35
CA GLY A 69 15.97 14.61 -5.66
C GLY A 69 17.21 13.73 -5.69
N ALA A 70 18.30 14.21 -5.10
CA ALA A 70 19.54 13.45 -5.16
C ALA A 70 19.47 12.26 -4.23
N GLN A 71 18.86 12.45 -3.05
CA GLN A 71 18.76 11.34 -2.13
C GLN A 71 17.98 10.18 -2.74
N ASN A 72 16.89 10.47 -3.45
CA ASN A 72 16.09 9.39 -4.00
C ASN A 72 16.82 8.69 -5.14
N ARG A 73 17.61 9.42 -5.94
CA ARG A 73 18.44 8.74 -6.93
C ARG A 73 19.39 7.75 -6.25
N SER A 74 19.98 8.17 -5.14
CA SER A 74 20.90 7.31 -4.39
C SER A 74 20.16 6.10 -3.80
N TYR A 75 18.96 6.31 -3.26
CA TYR A 75 18.23 5.16 -2.72
C TYR A 75 17.88 4.19 -3.84
N SER A 76 17.52 4.70 -5.01
CA SER A 76 17.11 3.82 -6.09
C SER A 76 18.28 2.97 -6.56
N LYS A 77 19.46 3.56 -6.66
CA LYS A 77 20.64 2.77 -7.02
C LYS A 77 20.91 1.70 -5.97
N LEU A 78 20.85 2.07 -4.70
CA LEU A 78 21.05 1.09 -3.64
C LEU A 78 20.01 -0.02 -3.70
N LEU A 79 18.73 0.36 -3.74
CA LEU A 79 17.65 -0.63 -3.63
C LEU A 79 17.53 -1.48 -4.89
N CYS A 80 17.62 -0.87 -6.07
CA CYS A 80 17.63 -1.71 -7.28
C CYS A 80 18.81 -2.68 -7.26
N GLY A 81 19.96 -2.23 -6.78
CA GLY A 81 21.12 -3.12 -6.71
C GLY A 81 20.86 -4.33 -5.83
N LEU A 82 20.22 -4.11 -4.68
CA LEU A 82 19.90 -5.22 -3.80
C LEU A 82 18.90 -6.15 -4.44
N LEU A 83 17.87 -5.60 -5.08
CA LEU A 83 16.86 -6.45 -5.72
C LEU A 83 17.45 -7.24 -6.86
N ALA A 84 18.41 -6.67 -7.59
CA ALA A 84 19.05 -7.39 -8.67
C ALA A 84 19.95 -8.49 -8.12
N GLU A 85 20.73 -8.16 -7.11
CA GLU A 85 21.67 -9.16 -6.58
C GLU A 85 20.94 -10.28 -5.86
N ARG A 86 19.92 -9.96 -5.07
CA ARG A 86 19.35 -10.95 -4.17
C ARG A 86 18.11 -11.62 -4.74
N LEU A 87 17.27 -10.89 -5.49
CA LEU A 87 16.06 -11.45 -6.06
C LEU A 87 16.15 -11.65 -7.56
N ARG A 88 17.23 -11.23 -8.20
CA ARG A 88 17.43 -11.43 -9.63
C ARG A 88 16.35 -10.73 -10.44
N ILE A 89 16.01 -9.51 -10.03
CA ILE A 89 15.06 -8.65 -10.72
C ILE A 89 15.85 -7.54 -11.41
N SER A 90 15.54 -7.31 -12.68
CA SER A 90 16.25 -6.28 -13.42
C SER A 90 15.83 -4.90 -12.90
N PRO A 91 16.78 -3.97 -12.75
CA PRO A 91 16.41 -2.63 -12.24
C PRO A 91 15.40 -1.91 -13.10
N ASP A 92 15.38 -2.16 -14.40
CA ASP A 92 14.37 -1.53 -15.25
C ASP A 92 12.98 -2.18 -15.12
N ARG A 93 12.80 -3.15 -14.21
CA ARG A 93 11.49 -3.71 -13.89
C ARG A 93 11.16 -3.46 -12.42
N VAL A 94 11.71 -2.38 -11.85
CA VAL A 94 11.44 -1.97 -10.47
C VAL A 94 10.93 -0.54 -10.48
N TYR A 95 9.81 -0.30 -9.77
CA TYR A 95 9.43 1.06 -9.40
C TYR A 95 9.53 1.19 -7.88
N ILE A 96 9.99 2.35 -7.41
CA ILE A 96 10.02 2.66 -5.97
C ILE A 96 9.36 4.03 -5.79
N ASN A 97 8.22 4.08 -5.08
CA ASN A 97 7.63 5.39 -4.78
C ASN A 97 8.19 5.90 -3.45
N TYR A 98 8.59 7.16 -3.42
CA TYR A 98 9.17 7.79 -2.23
C TYR A 98 8.18 8.76 -1.63
N TYR A 99 8.06 8.71 -0.30
CA TYR A 99 7.11 9.54 0.45
C TYR A 99 7.84 10.21 1.59
N ASP A 100 7.87 11.55 1.55
CA ASP A 100 8.38 12.39 2.64
C ASP A 100 7.20 12.64 3.56
N MET A 101 7.17 11.94 4.69
CA MET A 101 6.04 12.01 5.61
C MET A 101 6.23 13.14 6.61
N ASN A 102 5.13 13.87 6.88
CA ASN A 102 5.13 14.78 8.02
C ASN A 102 5.07 13.97 9.30
N ALA A 103 5.83 14.41 10.32
CA ALA A 103 5.87 13.70 11.59
C ALA A 103 4.47 13.50 12.18
N ALA A 104 3.59 14.49 12.01
CA ALA A 104 2.23 14.39 12.53
C ALA A 104 1.41 13.30 11.87
N ASN A 105 1.84 12.82 10.70
CA ASN A 105 1.12 11.80 9.97
C ASN A 105 1.77 10.42 10.07
N VAL A 106 2.69 10.22 11.01
CA VAL A 106 3.25 8.90 11.26
C VAL A 106 2.94 8.52 12.69
N GLY A 107 2.07 7.51 12.86
CA GLY A 107 1.73 7.01 14.17
C GLY A 107 2.72 5.94 14.61
N TRP A 108 2.94 5.88 15.93
CA TRP A 108 3.82 4.89 16.53
C TRP A 108 3.62 4.95 18.04
N ASN A 109 3.54 3.79 18.68
CA ASN A 109 3.61 3.73 20.15
C ASN A 109 2.56 4.62 20.81
N ASN A 110 1.31 4.47 20.35
CA ASN A 110 0.13 5.15 20.91
C ASN A 110 0.05 6.63 20.62
N SER A 111 0.91 7.16 19.75
CA SER A 111 0.91 8.59 19.49
C SER A 111 1.43 8.80 18.06
N THR A 112 1.96 9.99 17.79
CA THR A 112 2.63 10.23 16.51
C THR A 112 3.97 10.86 16.80
N PHE A 113 4.74 11.09 15.73
CA PHE A 113 6.05 11.70 15.92
C PHE A 113 6.01 13.21 15.99
N ALA A 114 4.85 13.84 15.86
CA ALA A 114 4.78 15.30 15.92
C ALA A 114 5.20 15.78 17.31
N PRO B 1 3.16 4.46 -14.67
CA PRO B 1 2.12 4.47 -13.63
C PRO B 1 1.99 3.11 -13.00
N MET B 2 1.30 3.07 -11.86
CA MET B 2 1.15 1.84 -11.09
C MET B 2 -0.30 1.75 -10.66
N PHE B 3 -0.92 0.60 -10.92
CA PHE B 3 -2.29 0.36 -10.46
C PHE B 3 -2.31 -0.90 -9.61
N ILE B 4 -2.87 -0.79 -8.41
CA ILE B 4 -2.94 -1.91 -7.47
C ILE B 4 -4.40 -2.13 -7.12
N VAL B 5 -4.85 -3.38 -7.13
CA VAL B 5 -6.19 -3.71 -6.66
C VAL B 5 -6.08 -4.81 -5.61
N ASN B 6 -6.63 -4.55 -4.43
CA ASN B 6 -6.73 -5.55 -3.38
C ASN B 6 -8.20 -5.93 -3.26
N THR B 7 -8.49 -7.23 -3.26
CA THR B 7 -9.89 -7.66 -3.25
C THR B 7 -10.02 -8.96 -2.48
N ASN B 8 -11.23 -9.21 -1.98
CA ASN B 8 -11.57 -10.48 -1.34
C ASN B 8 -12.06 -11.54 -2.34
N VAL B 9 -12.21 -11.18 -3.60
CA VAL B 9 -12.63 -12.16 -4.60
C VAL B 9 -11.55 -13.23 -4.73
N PRO B 10 -11.87 -14.51 -4.89
CA PRO B 10 -10.82 -15.52 -4.94
C PRO B 10 -10.03 -15.45 -6.24
N ARG B 11 -8.79 -15.95 -6.18
CA ARG B 11 -7.89 -15.95 -7.33
C ARG B 11 -8.52 -16.62 -8.54
N ALA B 12 -9.25 -17.74 -8.35
CA ALA B 12 -9.80 -18.41 -9.52
C ALA B 12 -10.87 -17.57 -10.22
N SER B 13 -11.37 -16.52 -9.56
CA SER B 13 -12.35 -15.64 -10.18
C SER B 13 -11.72 -14.48 -10.91
N VAL B 14 -10.39 -14.33 -10.88
CA VAL B 14 -9.69 -13.32 -11.67
C VAL B 14 -9.44 -13.91 -13.04
N PRO B 15 -10.02 -13.35 -14.10
CA PRO B 15 -9.90 -14.02 -15.40
C PRO B 15 -8.48 -13.98 -15.93
N ASP B 16 -8.14 -15.01 -16.68
CA ASP B 16 -6.86 -15.00 -17.38
C ASP B 16 -6.88 -13.83 -18.34
N GLY B 17 -5.81 -13.06 -18.35
CA GLY B 17 -5.81 -11.88 -19.17
C GLY B 17 -6.17 -10.61 -18.45
N PHE B 18 -6.58 -10.69 -17.19
CA PHE B 18 -6.97 -9.48 -16.48
C PHE B 18 -5.82 -8.48 -16.33
N LEU B 19 -4.61 -8.97 -16.01
CA LEU B 19 -3.49 -8.03 -15.86
C LEU B 19 -3.20 -7.33 -17.19
N SER B 20 -3.28 -8.08 -18.29
CA SER B 20 -3.05 -7.46 -19.59
C SER B 20 -4.14 -6.47 -19.95
N GLU B 21 -5.39 -6.79 -19.59
CA GLU B 21 -6.47 -5.84 -19.86
C GLU B 21 -6.29 -4.56 -19.07
N LEU B 22 -5.92 -4.68 -17.80
CA LEU B 22 -5.62 -3.47 -17.02
C LEU B 22 -4.48 -2.69 -17.64
N THR B 23 -3.42 -3.39 -18.06
CA THR B 23 -2.26 -2.71 -18.63
C THR B 23 -2.66 -1.90 -19.85
N GLN B 24 -3.37 -2.53 -20.77
CA GLN B 24 -3.69 -1.86 -22.01
C GLN B 24 -4.73 -0.76 -21.79
N GLN B 25 -5.72 -1.01 -20.94
CA GLN B 25 -6.76 0.00 -20.69
C GLN B 25 -6.18 1.21 -19.97
N LEU B 26 -5.24 0.99 -19.05
CA LEU B 26 -4.62 2.13 -18.38
C LEU B 26 -3.61 2.83 -19.27
N ALA B 27 -2.89 2.11 -20.13
CA ALA B 27 -2.02 2.81 -21.06
C ALA B 27 -2.82 3.78 -21.90
N GLN B 28 -3.98 3.34 -22.39
CA GLN B 28 -4.82 4.22 -23.20
C GLN B 28 -5.39 5.37 -22.37
N ALA B 29 -5.83 5.09 -21.15
CA ALA B 29 -6.48 6.11 -20.32
C ALA B 29 -5.51 7.19 -19.87
N THR B 30 -4.27 6.81 -19.50
CA THR B 30 -3.26 7.76 -19.05
C THR B 30 -2.46 8.38 -20.19
N GLY B 31 -2.52 7.79 -21.38
CA GLY B 31 -1.72 8.28 -22.48
C GLY B 31 -0.27 7.86 -22.45
N LYS B 32 0.12 7.02 -21.52
CA LYS B 32 1.50 6.62 -21.41
C LYS B 32 1.73 5.30 -22.11
N PRO B 33 2.97 5.01 -22.53
CA PRO B 33 3.23 3.75 -23.21
C PRO B 33 2.97 2.60 -22.26
N PRO B 34 2.50 1.47 -22.78
CA PRO B 34 2.21 0.34 -21.88
C PRO B 34 3.45 -0.20 -21.20
N GLN B 35 4.64 0.01 -21.81
CA GLN B 35 5.87 -0.44 -21.16
C GLN B 35 6.08 0.19 -19.80
N TYR B 36 5.43 1.31 -19.51
CA TYR B 36 5.58 1.99 -18.22
C TYR B 36 4.44 1.70 -17.26
N ILE B 37 3.45 0.89 -17.64
CA ILE B 37 2.32 0.61 -16.77
C ILE B 37 2.62 -0.64 -15.99
N ALA B 38 2.57 -0.56 -14.66
CA ALA B 38 2.68 -1.73 -13.80
C ALA B 38 1.36 -1.97 -13.11
N VAL B 39 0.97 -3.25 -13.01
CA VAL B 39 -0.32 -3.62 -12.44
C VAL B 39 -0.11 -4.74 -11.44
N HIS B 40 -0.89 -4.73 -10.37
CA HIS B 40 -0.69 -5.68 -9.29
C HIS B 40 -2.09 -6.00 -8.77
N VAL B 41 -2.47 -7.28 -8.81
CA VAL B 41 -3.80 -7.70 -8.35
C VAL B 41 -3.61 -8.66 -7.19
N VAL B 42 -4.32 -8.41 -6.08
CA VAL B 42 -4.14 -9.18 -4.86
C VAL B 42 -5.48 -9.75 -4.45
N PRO B 43 -5.76 -11.01 -4.81
CA PRO B 43 -7.04 -11.62 -4.49
C PRO B 43 -7.02 -12.29 -3.12
N ASP B 44 -8.16 -12.87 -2.75
CA ASP B 44 -8.26 -13.67 -1.53
C ASP B 44 -7.96 -12.90 -0.25
N GLN B 45 -8.21 -11.59 -0.24
CA GLN B 45 -7.85 -10.79 0.92
C GLN B 45 -8.93 -10.82 1.98
N LEU B 46 -8.52 -10.62 3.24
CA LEU B 46 -9.42 -10.56 4.38
C LEU B 46 -9.82 -9.10 4.50
N MET B 47 -11.00 -8.77 4.02
CA MET B 47 -11.42 -7.39 3.89
C MET B 47 -12.89 -7.30 4.19
N ALA B 48 -13.30 -6.09 4.56
CA ALA B 48 -14.69 -5.77 4.73
C ALA B 48 -14.89 -4.35 4.22
N PHE B 49 -16.07 -4.11 3.69
CA PHE B 49 -16.42 -2.80 3.17
C PHE B 49 -17.80 -2.50 3.74
N GLY B 50 -17.88 -1.45 4.57
CA GLY B 50 -19.13 -1.12 5.24
C GLY B 50 -19.58 -2.23 6.15
N GLY B 51 -18.65 -3.00 6.68
CA GLY B 51 -19.00 -4.08 7.58
C GLY B 51 -19.31 -5.39 6.91
N SER B 52 -19.46 -5.40 5.58
CA SER B 52 -19.89 -6.58 4.86
C SER B 52 -18.68 -7.18 4.16
N SER B 53 -18.64 -8.51 4.07
CA SER B 53 -17.55 -9.15 3.35
C SER B 53 -17.98 -9.66 1.98
N GLU B 54 -19.06 -9.11 1.42
CA GLU B 54 -19.36 -9.32 0.01
C GLU B 54 -18.21 -8.77 -0.85
N PRO B 55 -18.15 -9.13 -2.14
CA PRO B 55 -17.02 -8.70 -2.96
C PRO B 55 -16.81 -7.19 -2.90
N CYS B 56 -15.55 -6.80 -2.70
CA CYS B 56 -15.19 -5.39 -2.63
C CYS B 56 -13.78 -5.24 -3.12
N ALA B 57 -13.37 -3.99 -3.35
CA ALA B 57 -11.98 -3.76 -3.77
C ALA B 57 -11.46 -2.43 -3.21
N LEU B 58 -10.17 -2.40 -2.87
CA LEU B 58 -9.46 -1.18 -2.50
C LEU B 58 -8.30 -1.06 -3.48
N CYS B 59 -8.24 0.07 -4.15
CA CYS B 59 -7.32 0.23 -5.27
C CYS B 59 -6.55 1.53 -5.16
N SER B 60 -5.43 1.59 -5.88
CA SER B 60 -4.72 2.85 -6.02
C SER B 60 -4.15 3.00 -7.42
N LEU B 61 -4.12 4.23 -7.89
CA LEU B 61 -3.46 4.58 -9.15
C LEU B 61 -2.46 5.68 -8.89
N HIS B 62 -1.19 5.41 -9.14
CA HIS B 62 -0.12 6.38 -8.99
C HIS B 62 0.36 6.73 -10.39
N SER B 63 0.47 8.02 -10.68
CA SER B 63 0.97 8.43 -11.99
C SER B 63 1.68 9.76 -11.84
N ILE B 64 2.75 9.94 -12.63
CA ILE B 64 3.41 11.23 -12.74
C ILE B 64 2.56 12.10 -13.67
N GLY B 65 1.74 12.95 -13.09
CA GLY B 65 0.73 13.67 -13.86
C GLY B 65 -0.38 12.76 -14.36
N LYS B 66 -1.22 13.34 -15.21
CA LYS B 66 -2.44 12.69 -15.69
C LYS B 66 -3.41 12.36 -14.56
N ILE B 67 -3.41 13.17 -13.50
CA ILE B 67 -4.28 13.00 -12.34
C ILE B 67 -4.96 14.35 -12.11
N GLY B 68 -6.27 14.33 -11.87
CA GLY B 68 -6.98 15.56 -11.63
C GLY B 68 -8.46 15.31 -11.54
N GLY B 69 -9.21 16.39 -11.31
CA GLY B 69 -10.64 16.25 -11.05
C GLY B 69 -11.37 15.45 -12.12
N ALA B 70 -11.36 15.95 -13.35
CA ALA B 70 -12.09 15.27 -14.40
C ALA B 70 -11.42 13.95 -14.78
N GLN B 71 -10.09 13.91 -14.83
CA GLN B 71 -9.43 12.67 -15.20
C GLN B 71 -9.76 11.56 -14.23
N ASN B 72 -9.79 11.88 -12.93
CA ASN B 72 -10.05 10.82 -11.94
C ASN B 72 -11.49 10.34 -12.02
N ARG B 73 -12.43 11.21 -12.37
CA ARG B 73 -13.80 10.73 -12.59
C ARG B 73 -13.82 9.74 -13.73
N SER B 74 -13.08 10.05 -14.80
CA SER B 74 -13.02 9.16 -15.95
C SER B 74 -12.35 7.83 -15.58
N TYR B 75 -11.23 7.90 -14.84
CA TYR B 75 -10.60 6.65 -14.43
C TYR B 75 -11.51 5.84 -13.55
N SER B 76 -12.31 6.51 -12.69
CA SER B 76 -13.18 5.78 -11.76
C SER B 76 -14.26 5.02 -12.50
N LYS B 77 -14.84 5.63 -13.54
CA LYS B 77 -15.84 4.94 -14.34
C LYS B 77 -15.19 3.79 -15.11
N LEU B 78 -14.01 4.01 -15.66
CA LEU B 78 -13.32 2.95 -16.39
C LEU B 78 -13.01 1.78 -15.44
N LEU B 79 -12.45 2.09 -14.27
CA LEU B 79 -11.94 1.02 -13.42
C LEU B 79 -13.08 0.33 -12.68
N CYS B 80 -14.07 1.10 -12.21
CA CYS B 80 -15.23 0.44 -11.63
C CYS B 80 -15.90 -0.46 -12.66
N GLY B 81 -15.96 -0.01 -13.92
CA GLY B 81 -16.57 -0.83 -14.95
C GLY B 81 -15.84 -2.14 -15.15
N LEU B 82 -14.51 -2.09 -15.17
CA LEU B 82 -13.72 -3.32 -15.29
C LEU B 82 -13.90 -4.23 -14.08
N LEU B 83 -13.89 -3.65 -12.86
CA LEU B 83 -14.04 -4.50 -11.68
C LEU B 83 -15.41 -5.14 -11.62
N ALA B 84 -16.45 -4.42 -12.05
CA ALA B 84 -17.80 -4.99 -12.08
C ALA B 84 -17.88 -6.10 -13.13
N GLU B 85 -17.36 -5.86 -14.33
CA GLU B 85 -17.55 -6.83 -15.40
C GLU B 85 -16.68 -8.06 -15.18
N ARG B 86 -15.42 -7.87 -14.81
CA ARG B 86 -14.47 -8.98 -14.73
C ARG B 86 -14.46 -9.66 -13.36
N LEU B 87 -14.60 -8.89 -12.27
CA LEU B 87 -14.54 -9.47 -10.94
C LEU B 87 -15.90 -9.53 -10.24
N ARG B 88 -16.95 -8.99 -10.86
CA ARG B 88 -18.30 -9.01 -10.29
C ARG B 88 -18.38 -8.22 -8.98
N ILE B 89 -17.63 -7.12 -8.88
CA ILE B 89 -17.65 -6.27 -7.70
C ILE B 89 -18.54 -5.07 -7.98
N SER B 90 -19.48 -4.80 -7.07
N SER B 90 -19.48 -4.81 -7.06
CA SER B 90 -20.36 -3.66 -7.26
CA SER B 90 -20.34 -3.65 -7.22
C SER B 90 -19.56 -2.36 -7.11
C SER B 90 -19.52 -2.36 -7.14
N PRO B 91 -19.78 -1.38 -8.01
CA PRO B 91 -18.99 -0.14 -7.94
C PRO B 91 -19.11 0.61 -6.63
N ASP B 92 -20.22 0.48 -5.90
CA ASP B 92 -20.30 1.12 -4.59
C ASP B 92 -19.57 0.35 -3.50
N ARG B 93 -18.83 -0.71 -3.87
CA ARG B 93 -17.97 -1.42 -2.94
C ARG B 93 -16.51 -1.35 -3.38
N VAL B 94 -16.17 -0.27 -4.08
CA VAL B 94 -14.81 -0.01 -4.57
C VAL B 94 -14.38 1.37 -4.09
N TYR B 95 -13.18 1.47 -3.52
CA TYR B 95 -12.52 2.76 -3.34
C TYR B 95 -11.25 2.75 -4.19
N ILE B 96 -10.99 3.85 -4.88
CA ILE B 96 -9.74 4.03 -5.63
C ILE B 96 -9.09 5.31 -5.14
N ASN B 97 -7.88 5.23 -4.62
CA ASN B 97 -7.12 6.43 -4.27
C ASN B 97 -6.18 6.82 -5.42
N TYR B 98 -6.18 8.09 -5.78
CA TYR B 98 -5.38 8.58 -6.89
C TYR B 98 -4.23 9.41 -6.32
N TYR B 99 -3.03 9.20 -6.88
CA TYR B 99 -1.81 9.88 -6.45
C TYR B 99 -1.11 10.48 -7.65
N ASP B 100 -0.96 11.80 -7.65
CA ASP B 100 -0.16 12.52 -8.65
C ASP B 100 1.26 12.60 -8.09
N MET B 101 2.17 11.79 -8.64
CA MET B 101 3.52 11.71 -8.11
C MET B 101 4.43 12.73 -8.78
N ASN B 102 5.30 13.33 -7.98
CA ASN B 102 6.40 14.11 -8.54
C ASN B 102 7.42 13.14 -9.14
N ALA B 103 7.96 13.51 -10.31
CA ALA B 103 8.94 12.64 -10.98
C ALA B 103 10.13 12.30 -10.08
N ALA B 104 10.57 13.24 -9.25
CA ALA B 104 11.71 12.95 -8.38
C ALA B 104 11.38 11.92 -7.32
N ASN B 105 10.11 11.63 -7.07
CA ASN B 105 9.68 10.68 -6.06
C ASN B 105 9.29 9.34 -6.66
N VAL B 106 9.66 9.06 -7.90
CA VAL B 106 9.40 7.76 -8.48
C VAL B 106 10.74 7.20 -8.95
N GLY B 107 11.22 6.15 -8.27
CA GLY B 107 12.44 5.47 -8.64
C GLY B 107 12.21 4.39 -9.68
N TRP B 108 13.20 4.21 -10.56
CA TRP B 108 13.14 3.22 -11.64
C TRP B 108 14.54 3.07 -12.17
N ASN B 109 14.98 1.83 -12.40
CA ASN B 109 16.19 1.60 -13.16
C ASN B 109 17.39 2.38 -12.60
N ASN B 110 17.60 2.23 -11.27
CA ASN B 110 18.76 2.77 -10.56
C ASN B 110 18.71 4.28 -10.37
N SER B 111 17.62 4.94 -10.75
CA SER B 111 17.54 6.39 -10.67
C SER B 111 16.08 6.77 -10.41
N THR B 112 15.71 8.01 -10.74
CA THR B 112 14.31 8.42 -10.68
C THR B 112 13.92 9.02 -12.02
N PHE B 113 12.64 9.34 -12.15
CA PHE B 113 12.15 9.93 -13.39
C PHE B 113 12.43 11.44 -13.48
N ALA B 114 12.98 12.06 -12.44
CA ALA B 114 13.28 13.50 -12.46
C ALA B 114 14.29 13.88 -13.52
N PRO C 1 -13.66 5.94 4.86
CA PRO C 1 -12.22 5.85 5.13
C PRO C 1 -11.77 4.42 4.95
N MET C 2 -10.47 4.23 4.90
CA MET C 2 -9.88 2.94 4.61
C MET C 2 -8.76 2.69 5.62
N PHE C 3 -8.78 1.54 6.28
CA PHE C 3 -7.71 1.19 7.20
C PHE C 3 -7.14 -0.16 6.81
N ILE C 4 -5.82 -0.23 6.64
CA ILE C 4 -5.12 -1.45 6.26
C ILE C 4 -4.09 -1.76 7.34
N VAL C 5 -4.04 -3.01 7.77
CA VAL C 5 -2.99 -3.46 8.69
C VAL C 5 -2.28 -4.65 8.08
N ASN C 6 -0.97 -4.54 7.90
CA ASN C 6 -0.13 -5.66 7.49
C ASN C 6 0.67 -6.12 8.70
N THR C 7 0.69 -7.42 8.96
CA THR C 7 1.36 -7.91 10.15
C THR C 7 1.94 -9.29 9.91
N ASN C 8 3.01 -9.59 10.66
CA ASN C 8 3.57 -10.94 10.65
C ASN C 8 2.85 -11.91 11.57
N VAL C 9 1.88 -11.44 12.34
CA VAL C 9 1.08 -12.34 13.19
C VAL C 9 0.35 -13.34 12.31
N PRO C 10 0.27 -14.62 12.68
CA PRO C 10 -0.36 -15.60 11.79
C PRO C 10 -1.86 -15.42 11.73
N ARG C 11 -2.44 -15.86 10.61
CA ARG C 11 -3.88 -15.76 10.41
C ARG C 11 -4.68 -16.37 11.55
N ALA C 12 -4.25 -17.52 12.08
CA ALA C 12 -5.04 -18.16 13.13
C ALA C 12 -5.07 -17.34 14.42
N SER C 13 -4.16 -16.39 14.57
CA SER C 13 -4.14 -15.54 15.77
C SER C 13 -4.96 -14.28 15.61
N VAL C 14 -5.61 -14.07 14.47
CA VAL C 14 -6.49 -12.93 14.27
C VAL C 14 -7.88 -13.36 14.73
N PRO C 15 -8.43 -12.76 15.79
CA PRO C 15 -9.66 -13.30 16.36
C PRO C 15 -10.86 -13.10 15.46
N ASP C 16 -11.82 -14.01 15.58
CA ASP C 16 -13.12 -13.74 14.98
C ASP C 16 -13.63 -12.39 15.46
N GLY C 17 -14.20 -11.64 14.55
CA GLY C 17 -14.74 -10.35 14.88
C GLY C 17 -13.77 -9.20 14.74
N PHE C 18 -12.54 -9.45 14.30
CA PHE C 18 -11.53 -8.39 14.26
C PHE C 18 -11.88 -7.31 13.24
N LEU C 19 -12.21 -7.71 12.01
CA LEU C 19 -12.60 -6.75 11.00
C LEU C 19 -13.82 -5.95 11.45
N SER C 20 -14.77 -6.64 12.10
CA SER C 20 -15.97 -5.95 12.56
C SER C 20 -15.62 -4.96 13.67
N GLU C 21 -14.75 -5.35 14.61
CA GLU C 21 -14.37 -4.41 15.67
C GLU C 21 -13.66 -3.19 15.09
N LEU C 22 -12.73 -3.40 14.14
CA LEU C 22 -12.09 -2.27 13.48
C LEU C 22 -13.10 -1.39 12.78
N THR C 23 -14.08 -2.00 12.09
CA THR C 23 -15.04 -1.20 11.35
C THR C 23 -15.81 -0.27 12.28
N GLN C 24 -16.36 -0.82 13.38
CA GLN C 24 -17.18 0.02 14.24
C GLN C 24 -16.33 0.98 15.05
N GLN C 25 -15.14 0.57 15.48
CA GLN C 25 -14.32 1.50 16.26
C GLN C 25 -13.80 2.63 15.37
N LEU C 26 -13.48 2.34 14.12
CA LEU C 26 -13.06 3.41 13.23
C LEU C 26 -14.23 4.27 12.82
N ALA C 27 -15.43 3.69 12.72
CA ALA C 27 -16.60 4.53 12.50
C ALA C 27 -16.75 5.51 13.64
N GLN C 28 -16.71 5.03 14.89
CA GLN C 28 -16.81 5.95 16.03
C GLN C 28 -15.69 6.98 16.02
N ALA C 29 -14.45 6.57 15.73
CA ALA C 29 -13.30 7.46 15.86
C ALA C 29 -13.30 8.55 14.80
N THR C 30 -13.65 8.19 13.56
CA THR C 30 -13.79 9.18 12.49
C THR C 30 -15.14 9.88 12.52
N GLY C 31 -16.08 9.39 13.34
CA GLY C 31 -17.42 9.93 13.35
C GLY C 31 -18.23 9.69 12.10
N LYS C 32 -17.88 8.66 11.31
CA LYS C 32 -18.52 8.35 10.05
C LYS C 32 -19.36 7.09 10.16
N PRO C 33 -20.36 6.93 9.31
CA PRO C 33 -21.19 5.74 9.39
C PRO C 33 -20.35 4.51 9.12
N PRO C 34 -20.64 3.40 9.79
CA PRO C 34 -19.86 2.19 9.50
C PRO C 34 -19.90 1.79 8.03
N GLN C 35 -20.97 2.17 7.30
CA GLN C 35 -21.06 1.82 5.88
C GLN C 35 -19.95 2.45 5.06
N TYR C 36 -19.29 3.48 5.57
CA TYR C 36 -18.20 4.10 4.81
C TYR C 36 -16.86 3.44 5.06
N ILE C 37 -16.74 2.61 6.09
CA ILE C 37 -15.44 2.18 6.56
C ILE C 37 -15.05 0.91 5.83
N ALA C 38 -13.86 0.90 5.20
CA ALA C 38 -13.31 -0.31 4.63
C ALA C 38 -12.10 -0.69 5.47
N VAL C 39 -11.96 -1.97 5.73
CA VAL C 39 -10.85 -2.46 6.54
C VAL C 39 -10.25 -3.66 5.85
N HIS C 40 -8.94 -3.80 5.98
CA HIS C 40 -8.23 -4.85 5.28
C HIS C 40 -7.11 -5.32 6.21
N VAL C 41 -7.08 -6.60 6.55
CA VAL C 41 -6.06 -7.15 7.43
C VAL C 41 -5.26 -8.19 6.65
N VAL C 42 -3.94 -8.08 6.73
CA VAL C 42 -3.04 -8.94 5.96
C VAL C 42 -2.10 -9.63 6.93
N PRO C 43 -2.43 -10.83 7.37
CA PRO C 43 -1.56 -11.55 8.30
C PRO C 43 -0.46 -12.34 7.60
N ASP C 44 0.41 -12.98 8.39
CA ASP C 44 1.41 -13.93 7.88
C ASP C 44 2.46 -13.26 7.01
N GLN C 45 2.73 -11.98 7.24
CA GLN C 45 3.63 -11.27 6.35
C GLN C 45 5.09 -11.45 6.78
N LEU C 46 5.99 -11.36 5.80
CA LEU C 46 7.44 -11.38 6.03
C LEU C 46 7.89 -9.96 6.31
N MET C 47 8.05 -9.62 7.58
CA MET C 47 8.25 -8.24 7.99
C MET C 47 9.20 -8.21 9.17
N ALA C 48 9.89 -7.08 9.34
CA ALA C 48 10.70 -6.84 10.53
C ALA C 48 10.56 -5.39 10.92
N PHE C 49 10.77 -5.13 12.21
CA PHE C 49 10.72 -3.78 12.76
C PHE C 49 11.96 -3.65 13.64
N GLY C 50 12.85 -2.73 13.28
CA GLY C 50 14.11 -2.66 14.01
C GLY C 50 14.99 -3.88 13.88
N GLY C 51 14.84 -4.63 12.78
CA GLY C 51 15.63 -5.84 12.58
C GLY C 51 15.07 -7.08 13.24
N SER C 52 13.99 -6.95 14.02
CA SER C 52 13.44 -8.06 14.80
C SER C 52 12.15 -8.49 14.14
N SER C 53 11.92 -9.80 14.07
CA SER C 53 10.66 -10.30 13.56
C SER C 53 9.69 -10.73 14.66
N GLU C 54 9.85 -10.18 15.87
CA GLU C 54 8.76 -10.22 16.85
C GLU C 54 7.51 -9.57 16.22
N PRO C 55 6.33 -9.88 16.75
CA PRO C 55 5.09 -9.33 16.18
C PRO C 55 5.20 -7.83 15.96
N CYS C 56 4.80 -7.38 14.78
CA CYS C 56 4.81 -5.96 14.43
C CYS C 56 3.70 -5.70 13.43
N ALA C 57 3.45 -4.43 13.15
CA ALA C 57 2.42 -4.09 12.16
C ALA C 57 2.79 -2.80 11.44
N LEU C 58 2.44 -2.76 10.15
CA LEU C 58 2.56 -1.58 9.32
C LEU C 58 1.17 -1.30 8.79
N CYS C 59 0.67 -0.08 9.03
CA CYS C 59 -0.73 0.22 8.81
C CYS C 59 -0.87 1.55 8.11
N SER C 60 -2.05 1.76 7.52
CA SER C 60 -2.37 3.07 6.96
C SER C 60 -3.84 3.37 7.19
N LEU C 61 -4.12 4.65 7.35
CA LEU C 61 -5.48 5.16 7.43
C LEU C 61 -5.61 6.28 6.42
N HIS C 62 -6.56 6.14 5.50
CA HIS C 62 -6.85 7.15 4.50
C HIS C 62 -8.25 7.68 4.77
N SER C 63 -8.39 9.00 4.77
CA SER C 63 -9.68 9.61 5.04
C SER C 63 -9.74 10.95 4.32
N ILE C 64 -10.94 11.32 3.89
CA ILE C 64 -11.18 12.66 3.36
C ILE C 64 -11.42 13.57 4.55
N GLY C 65 -10.39 14.30 4.98
CA GLY C 65 -10.48 15.03 6.21
C GLY C 65 -10.40 14.11 7.42
N LYS C 66 -10.63 14.71 8.59
CA LYS C 66 -10.50 14.02 9.87
C LYS C 66 -9.08 13.55 10.14
N ILE C 67 -8.07 14.19 9.55
CA ILE C 67 -6.66 13.84 9.75
C ILE C 67 -5.96 15.09 10.24
N GLY C 68 -5.17 14.96 11.31
CA GLY C 68 -4.48 16.13 11.85
C GLY C 68 -3.73 15.74 13.11
N GLY C 69 -3.03 16.71 13.67
CA GLY C 69 -2.18 16.47 14.84
C GLY C 69 -2.82 15.71 15.98
N ALA C 70 -3.81 16.34 16.61
CA ALA C 70 -4.46 15.70 17.75
C ALA C 70 -5.28 14.50 17.31
N GLN C 71 -5.95 14.60 16.16
CA GLN C 71 -6.78 13.48 15.70
C GLN C 71 -5.93 12.25 15.48
N ASN C 72 -4.74 12.42 14.88
CA ASN C 72 -3.90 11.27 14.58
C ASN C 72 -3.32 10.68 15.84
N ARG C 73 -3.02 11.50 16.84
CA ARG C 73 -2.58 10.94 18.11
C ARG C 73 -3.68 10.07 18.71
N SER C 74 -4.93 10.53 18.63
N SER C 74 -4.93 10.53 18.62
CA SER C 74 -6.05 9.75 19.16
CA SER C 74 -6.07 9.76 19.12
C SER C 74 -6.27 8.47 18.35
C SER C 74 -6.25 8.47 18.35
N TYR C 75 -6.17 8.54 17.01
CA TYR C 75 -6.28 7.31 16.21
C TYR C 75 -5.18 6.34 16.60
N SER C 76 -3.97 6.84 16.83
CA SER C 76 -2.87 5.92 17.13
C SER C 76 -3.08 5.23 18.46
N LYS C 77 -3.57 5.96 19.47
CA LYS C 77 -3.86 5.33 20.75
C LYS C 77 -4.94 4.26 20.58
N LEU C 78 -5.98 4.57 19.82
CA LEU C 78 -7.06 3.61 19.60
C LEU C 78 -6.55 2.37 18.87
N LEU C 79 -5.83 2.58 17.77
CA LEU C 79 -5.48 1.47 16.90
C LEU C 79 -4.35 0.65 17.51
N CYS C 80 -3.38 1.31 18.15
CA CYS C 80 -2.37 0.54 18.88
C CYS C 80 -3.00 -0.27 20.00
N GLY C 81 -3.98 0.32 20.70
CA GLY C 81 -4.66 -0.44 21.74
C GLY C 81 -5.32 -1.69 21.20
N LEU C 82 -5.94 -1.59 20.03
CA LEU C 82 -6.62 -2.76 19.45
C LEU C 82 -5.63 -3.79 18.98
N LEU C 83 -4.53 -3.35 18.37
CA LEU C 83 -3.53 -4.30 17.91
C LEU C 83 -2.87 -5.01 19.08
N ALA C 84 -2.67 -4.30 20.20
CA ALA C 84 -2.10 -4.92 21.37
C ALA C 84 -3.07 -5.92 21.98
N GLU C 85 -4.32 -5.52 22.15
CA GLU C 85 -5.27 -6.38 22.84
C GLU C 85 -5.63 -7.61 21.99
N ARG C 86 -5.81 -7.42 20.67
CA ARG C 86 -6.33 -8.50 19.83
C ARG C 86 -5.25 -9.31 19.12
N LEU C 87 -4.17 -8.68 18.68
CA LEU C 87 -3.09 -9.37 17.99
C LEU C 87 -1.83 -9.51 18.84
N ARG C 88 -1.83 -8.93 20.04
CA ARG C 88 -0.70 -9.01 20.96
C ARG C 88 0.56 -8.37 20.39
N ILE C 89 0.40 -7.28 19.66
CA ILE C 89 1.52 -6.54 19.08
C ILE C 89 1.82 -5.35 19.99
N SER C 90 3.09 -5.20 20.40
CA SER C 90 3.46 -4.06 21.23
C SER C 90 3.28 -2.75 20.46
N PRO C 91 2.75 -1.70 21.09
CA PRO C 91 2.57 -0.41 20.37
C PRO C 91 3.84 0.16 19.81
N ASP C 92 4.99 -0.09 20.44
CA ASP C 92 6.23 0.42 19.92
C ASP C 92 6.76 -0.38 18.75
N ARG C 93 5.98 -1.34 18.25
CA ARG C 93 6.30 -2.08 17.04
C ARG C 93 5.23 -1.89 15.98
N VAL C 94 4.53 -0.76 16.03
CA VAL C 94 3.48 -0.43 15.07
C VAL C 94 3.81 0.90 14.44
N TYR C 95 3.75 0.97 13.10
CA TYR C 95 3.69 2.26 12.40
C TYR C 95 2.32 2.38 11.74
N ILE C 96 1.75 3.58 11.78
CA ILE C 96 0.52 3.88 11.06
C ILE C 96 0.78 5.14 10.24
N ASN C 97 0.65 5.07 8.92
CA ASN C 97 0.73 6.28 8.12
C ASN C 97 -0.66 6.83 7.88
N TYR C 98 -0.83 8.13 8.09
CA TYR C 98 -2.10 8.82 7.94
C TYR C 98 -2.10 9.64 6.66
N TYR C 99 -3.20 9.58 5.92
CA TYR C 99 -3.32 10.27 4.64
C TYR C 99 -4.62 11.03 4.62
N ASP C 100 -4.52 12.35 4.48
CA ASP C 100 -5.67 13.25 4.33
C ASP C 100 -5.89 13.39 2.83
N MET C 101 -6.88 12.67 2.31
CA MET C 101 -7.13 12.62 0.88
C MET C 101 -8.02 13.78 0.44
N ASN C 102 -7.65 14.40 -0.67
CA ASN C 102 -8.59 15.32 -1.31
C ASN C 102 -9.75 14.52 -1.88
N ALA C 103 -10.97 15.07 -1.79
CA ALA C 103 -12.14 14.36 -2.29
C ALA C 103 -12.02 14.02 -3.77
N ALA C 104 -11.36 14.89 -4.56
CA ALA C 104 -11.17 14.65 -5.99
C ALA C 104 -10.26 13.46 -6.28
N ASN C 105 -9.52 12.99 -5.27
CA ASN C 105 -8.57 11.90 -5.45
C ASN C 105 -9.08 10.59 -4.85
N VAL C 106 -10.36 10.50 -4.50
CA VAL C 106 -10.97 9.28 -3.98
C VAL C 106 -12.10 8.88 -4.91
N GLY C 107 -11.89 7.79 -5.64
CA GLY C 107 -12.91 7.24 -6.51
C GLY C 107 -13.79 6.24 -5.78
N TRP C 108 -15.07 6.20 -6.16
CA TRP C 108 -16.05 5.33 -5.57
C TRP C 108 -17.29 5.37 -6.45
N ASN C 109 -17.91 4.22 -6.70
CA ASN C 109 -19.23 4.20 -7.36
C ASN C 109 -19.23 4.94 -8.70
N ASN C 110 -18.21 4.66 -9.51
CA ASN C 110 -18.07 5.18 -10.87
C ASN C 110 -17.76 6.67 -10.95
N SER C 111 -17.44 7.32 -9.83
CA SER C 111 -17.17 8.75 -9.79
C SER C 111 -16.12 9.02 -8.72
N THR C 112 -15.99 10.28 -8.35
CA THR C 112 -15.21 10.66 -7.17
C THR C 112 -16.08 11.50 -6.26
N PHE C 113 -15.52 11.90 -5.13
CA PHE C 113 -16.26 12.68 -4.14
C PHE C 113 -16.12 14.18 -4.33
N ALA C 114 -15.42 14.61 -5.37
CA ALA C 114 -15.29 16.03 -5.65
C ALA C 114 -16.64 16.62 -6.06
CL CL D . 11.13 8.22 9.48
CL CL E . 18.05 15.59 -1.94
CL CL F . 2.53 13.48 5.16
CL CL G . 3.39 3.13 -3.39
CL CL H . 4.05 7.50 -14.20
CL CL I . -8.28 16.78 -14.79
CL CL J . 5.08 13.01 -4.86
CL CL K . 0.58 15.95 -16.67
CL CL L . -3.90 -12.23 -15.54
CL CL M . -7.64 -4.48 -23.49
C1 HWO N . -23.68 3.93 1.61
C2 HWO N . -24.08 4.45 0.25
C3 HWO N . -24.50 3.32 -0.73
O1 HWO N . -25.11 5.53 0.32
C4 HWO N . -24.92 3.83 -2.13
C5 HWO N . -25.82 5.00 -2.02
C6 HWO N . -24.96 5.93 -1.13
O2 HWO N . -24.81 7.22 -1.51
O3 HWO N . -23.59 10.12 -0.32
C7 HWO N . -25.21 8.22 -0.53
O4 HWO N . -23.03 7.85 0.32
C10 HWO N . -24.69 11.06 -0.36
C11 HWO N . -23.99 8.80 0.24
C12 HWO N . -21.63 8.02 0.67
C13 HWO N . -20.86 6.78 0.78
C14 HWO N . -19.47 6.84 1.11
C15 HWO N . -18.87 8.12 1.35
C16 HWO N . -19.65 9.33 1.22
C17 HWO N . -21.04 9.28 0.90
C18 HWO N . -17.72 10.72 1.79
C19 HWO N . -16.94 9.52 2.28
C20 HWO N . -17.36 8.27 1.62
C21 HWO N . -17.25 12.14 1.99
C22 HWO N . -16.48 12.47 3.10
C23 HWO N . -16.08 13.78 3.26
C24 HWO N . -16.46 14.72 2.29
C25 HWO N . -17.24 14.37 1.19
C26 HWO N . -17.65 13.09 1.03
C27 HWO N . -15.38 16.33 3.70
C28 HWO N . -24.25 12.48 -0.58
C8 HWO N . -26.17 9.15 -1.22
C9 HWO N . -25.83 10.64 -1.33
O10 HWO N . -23.08 12.72 0.17
O11 HWO N . -25.68 11.13 -2.67
O12 HWO N . -26.63 8.59 -2.51
O13 HWO N . -27.02 4.54 -1.36
O14 HWO N . -25.54 2.81 -2.93
O15 HWO N . -23.44 2.42 -0.89
O5 HWO N . -19.08 10.63 1.44
O6 HWO N . -16.75 7.06 2.01
O7 HWO N . -17.61 15.32 0.27
O8 HWO N . -16.05 16.08 2.46
O9 HWO N . -18.77 5.66 1.20
CL CL O . -13.83 9.64 4.23
CL CL P . 1.47 3.50 4.08
CL CL Q . -4.93 13.73 -1.99
#